data_6BQ7
#
_entry.id   6BQ7
#
_cell.length_a   79.962
_cell.length_b   79.962
_cell.length_c   163.532
_cell.angle_alpha   90.00
_cell.angle_beta   90.00
_cell.angle_gamma   90.00
#
_symmetry.space_group_name_H-M   'P 43 21 2'
#
loop_
_entity.id
_entity.type
_entity.pdbx_description
1 polymer 'Thermospermine synthase'
2 non-polymer SPERMIDINE
3 water water
#
_entity_poly.entity_id   1
_entity_poly.type   'polypeptide(L)'
_entity_poly.pdbx_seq_one_letter_code
;SNAMGEVAYTNGNGNDKSHSPPNGYRKSCWYEEEIEENLRWCFALNSILHTGASQYQDIALLDTKPFGKALVLDGKLQSA
ETDEFIYHECLVHPALLHHPMPKNVFIMGGGEGSTARELLRHKTIDKVVMCDIDEEVVEFCKSYLVVNKEAFHDSRLEVV
INDAKAELEGKEEKYDVIVGDLADPIEGGPCYKLYTKDFYELTLKPKLKKGGIFVTQAGPAGIFSHTEVFSCIYNTLRQV
FKYVVPYSAHIPSYADIWGWVLASDSPLDLSAEELDIRMRQRIIEENRYLDGKTFVSSSTLSKAVRNSLNNETHVYTEGA
ARFIYGHGKNA
;
_entity_poly.pdbx_strand_id   A,B
#
# COMPACT_ATOMS: atom_id res chain seq x y z
N LYS A 27 20.07 18.65 8.21
CA LYS A 27 20.29 17.21 8.29
C LYS A 27 20.43 16.75 9.74
N SER A 28 20.03 17.60 10.68
CA SER A 28 20.32 17.37 12.08
C SER A 28 19.11 17.30 13.00
N CYS A 29 17.94 17.77 12.57
CA CYS A 29 16.74 17.81 13.40
C CYS A 29 15.72 16.82 12.88
N TRP A 30 15.27 15.93 13.74
CA TRP A 30 14.38 14.90 13.33
C TRP A 30 13.19 14.64 14.20
N TYR A 31 12.07 14.33 13.59
CA TYR A 31 10.92 13.84 14.32
C TYR A 31 10.91 12.32 14.17
N GLU A 32 10.77 11.62 15.29
CA GLU A 32 10.85 10.18 15.29
C GLU A 32 9.53 9.63 15.80
N GLU A 33 9.06 8.60 15.17
CA GLU A 33 7.86 7.94 15.60
C GLU A 33 8.04 6.45 15.58
N GLU A 34 7.63 5.82 16.64
CA GLU A 34 7.73 4.41 16.73
C GLU A 34 6.45 3.86 16.19
N ILE A 35 6.47 3.45 14.95
CA ILE A 35 5.31 2.88 14.32
C ILE A 35 4.90 1.61 15.01
N GLU A 36 5.90 0.80 15.28
CA GLU A 36 5.84 -0.45 16.01
C GLU A 36 6.95 -0.34 17.08
N GLU A 37 6.89 -1.08 18.17
CA GLU A 37 7.93 -0.89 19.16
C GLU A 37 9.34 -1.23 18.73
N ASN A 38 9.48 -1.98 17.66
CA ASN A 38 10.77 -2.34 17.09
C ASN A 38 11.01 -1.66 15.76
N LEU A 39 10.18 -0.69 15.42
CA LEU A 39 10.23 -0.03 14.13
C LEU A 39 10.09 1.49 14.20
N ARG A 40 11.05 2.22 13.71
CA ARG A 40 11.04 3.68 13.85
C ARG A 40 11.06 4.36 12.49
N TRP A 41 10.30 5.44 12.36
CA TRP A 41 10.07 6.22 11.14
C TRP A 41 10.42 7.63 11.50
N CYS A 42 11.39 8.20 10.82
CA CYS A 42 12.01 9.47 11.19
C CYS A 42 11.95 10.45 10.04
N PHE A 43 11.39 11.64 10.29
CA PHE A 43 11.29 12.71 9.30
C PHE A 43 12.19 13.87 9.69
N ALA A 44 12.94 14.40 8.73
CA ALA A 44 13.74 15.59 9.01
C ALA A 44 12.83 16.79 9.22
N LEU A 45 13.20 17.64 10.17
CA LEU A 45 12.37 18.75 10.64
C LEU A 45 12.85 20.09 10.10
N ASN A 46 11.90 20.95 9.72
CA ASN A 46 12.19 22.37 9.50
C ASN A 46 11.92 23.17 10.76
N SER A 47 10.75 22.97 11.38
CA SER A 47 10.33 23.76 12.52
C SER A 47 9.40 22.95 13.39
N ILE A 48 9.23 23.42 14.62
CA ILE A 48 8.21 22.96 15.54
C ILE A 48 7.30 24.16 15.73
N LEU A 49 6.16 24.15 15.04
CA LEU A 49 5.30 25.35 14.97
C LEU A 49 4.54 25.55 16.27
N HIS A 50 4.10 24.47 16.93
CA HIS A 50 3.45 24.56 18.23
C HIS A 50 3.57 23.21 18.94
N THR A 51 3.86 23.26 20.25
CA THR A 51 3.67 22.15 21.15
C THR A 51 2.82 22.62 22.32
N GLY A 52 1.90 21.75 22.76
CA GLY A 52 1.00 22.07 23.86
C GLY A 52 0.27 20.83 24.31
N ALA A 53 -0.79 21.02 25.10
CA ALA A 53 -1.52 19.85 25.53
C ALA A 53 -2.88 20.22 26.12
N SER A 54 -3.82 19.28 25.99
CA SER A 54 -4.99 19.21 26.85
C SER A 54 -4.80 18.04 27.82
N GLN A 55 -5.80 17.80 28.65
CA GLN A 55 -5.71 16.62 29.51
C GLN A 55 -5.84 15.33 28.71
N TYR A 56 -6.47 15.37 27.52
CA TYR A 56 -6.65 14.19 26.71
C TYR A 56 -5.36 13.80 25.99
N GLN A 57 -4.59 14.77 25.52
CA GLN A 57 -3.46 14.47 24.65
C GLN A 57 -2.56 15.68 24.49
N ASP A 58 -1.27 15.39 24.26
CA ASP A 58 -0.36 16.40 23.76
C ASP A 58 -0.66 16.72 22.29
N ILE A 59 -0.51 17.99 21.94
CA ILE A 59 -0.80 18.46 20.59
C ILE A 59 0.46 19.13 20.06
N ALA A 60 0.97 18.63 18.94
CA ALA A 60 2.10 19.27 18.29
C ALA A 60 1.81 19.45 16.79
N LEU A 61 2.33 20.55 16.23
CA LEU A 61 2.30 20.81 14.80
C LEU A 61 3.73 21.02 14.34
N LEU A 62 4.22 20.13 13.49
CA LEU A 62 5.59 20.14 13.01
C LEU A 62 5.62 20.54 11.54
N ASP A 63 6.67 21.21 11.14
CA ASP A 63 6.93 21.44 9.71
C ASP A 63 8.04 20.48 9.30
N THR A 64 7.67 19.43 8.59
CA THR A 64 8.64 18.41 8.22
C THR A 64 9.06 18.58 6.77
N LYS A 65 10.28 18.16 6.48
CA LYS A 65 10.78 18.24 5.10
C LYS A 65 10.08 17.22 4.19
N PRO A 66 9.96 15.95 4.56
CA PRO A 66 9.33 15.02 3.59
C PRO A 66 7.84 15.23 3.42
N PHE A 67 7.10 15.60 4.46
CA PHE A 67 5.64 15.54 4.41
C PHE A 67 4.95 16.85 4.75
N GLY A 68 5.69 17.97 4.86
CA GLY A 68 5.11 19.26 5.19
C GLY A 68 4.57 19.29 6.62
N LYS A 69 3.56 20.12 6.86
CA LYS A 69 3.10 20.30 8.23
C LYS A 69 2.36 19.06 8.72
N ALA A 70 2.76 18.60 9.90
CA ALA A 70 2.28 17.33 10.43
C ALA A 70 1.67 17.58 11.80
N LEU A 71 0.42 17.11 11.97
CA LEU A 71 -0.28 17.17 13.26
C LEU A 71 -0.01 15.87 14.00
N VAL A 72 0.63 15.99 15.17
CA VAL A 72 1.00 14.87 16.03
C VAL A 72 0.21 14.98 17.33
N LEU A 73 -0.57 13.95 17.65
CA LEU A 73 -1.36 13.92 18.89
C LEU A 73 -0.85 12.77 19.73
N ASP A 74 -0.49 13.07 20.98
CA ASP A 74 0.10 12.10 21.89
C ASP A 74 1.22 11.31 21.22
N GLY A 75 2.09 12.03 20.52
CA GLY A 75 3.25 11.43 19.92
C GLY A 75 3.01 10.71 18.61
N LYS A 76 1.77 10.55 18.18
CA LYS A 76 1.42 9.80 16.98
C LYS A 76 1.03 10.77 15.88
N LEU A 77 1.74 10.71 14.74
CA LEU A 77 1.33 11.50 13.60
C LEU A 77 -0.09 11.11 13.21
N GLN A 78 -0.97 12.11 13.10
CA GLN A 78 -2.33 11.89 12.70
C GLN A 78 -2.63 12.45 11.32
N SER A 79 -1.81 13.37 10.84
CA SER A 79 -2.14 14.13 9.63
C SER A 79 -0.89 14.82 9.14
N ALA A 80 -0.54 14.56 7.89
CA ALA A 80 0.55 15.22 7.19
C ALA A 80 0.02 15.96 5.98
N GLU A 81 0.59 17.14 5.76
CA GLU A 81 0.08 18.05 4.73
C GLU A 81 0.15 17.43 3.34
N THR A 82 1.24 16.70 3.04
CA THR A 82 1.37 16.19 1.66
C THR A 82 0.38 15.08 1.33
N ASP A 83 -0.10 14.33 2.32
CA ASP A 83 -0.93 13.19 1.96
C ASP A 83 -2.14 12.97 2.85
N GLU A 84 -2.51 13.92 3.73
CA GLU A 84 -3.76 13.75 4.47
C GLU A 84 -4.95 13.65 3.53
N PHE A 85 -4.86 14.22 2.31
CA PHE A 85 -5.97 14.10 1.37
C PHE A 85 -6.30 12.65 1.09
N ILE A 86 -5.31 11.75 1.09
CA ILE A 86 -5.60 10.35 0.85
C ILE A 86 -6.52 9.81 1.93
N TYR A 87 -6.13 10.06 3.19
CA TYR A 87 -6.88 9.53 4.31
C TYR A 87 -8.27 10.10 4.34
N HIS A 88 -8.40 11.39 4.20
CA HIS A 88 -9.70 12.03 4.26
C HIS A 88 -10.62 11.77 3.08
N GLU A 89 -10.09 11.69 1.87
CA GLU A 89 -10.88 11.30 0.71
C GLU A 89 -11.38 9.87 0.85
N CYS A 90 -10.49 8.97 1.28
CA CYS A 90 -10.89 7.57 1.49
C CYS A 90 -11.90 7.45 2.62
N LEU A 91 -11.68 8.16 3.73
CA LEU A 91 -12.63 8.11 4.84
C LEU A 91 -14.03 8.56 4.41
N VAL A 92 -14.10 9.67 3.74
CA VAL A 92 -15.34 10.31 3.43
C VAL A 92 -16.10 9.97 2.15
N HIS A 93 -15.46 10.08 1.03
CA HIS A 93 -16.15 9.94 -0.22
C HIS A 93 -16.89 8.67 -0.55
N PRO A 94 -16.31 7.51 -0.32
CA PRO A 94 -17.01 6.28 -0.62
C PRO A 94 -18.34 6.16 0.04
N ALA A 95 -18.44 6.49 1.29
CA ALA A 95 -19.70 6.39 1.92
C ALA A 95 -20.75 7.30 1.33
N LEU A 96 -20.42 8.55 1.11
CA LEU A 96 -21.35 9.50 0.57
C LEU A 96 -21.75 9.17 -0.86
N LEU A 97 -20.82 8.74 -1.66
CA LEU A 97 -21.07 8.39 -3.03
C LEU A 97 -22.01 7.22 -3.15
N HIS A 98 -21.90 6.26 -2.27
CA HIS A 98 -22.77 5.15 -2.23
C HIS A 98 -24.19 5.48 -1.81
N HIS A 99 -24.39 6.56 -1.10
CA HIS A 99 -25.68 6.96 -0.64
C HIS A 99 -26.52 7.66 -1.68
N PRO A 100 -27.81 7.37 -1.71
CA PRO A 100 -28.65 7.94 -2.80
C PRO A 100 -28.71 9.46 -2.80
N MET A 101 -28.68 10.07 -1.62
CA MET A 101 -28.68 11.51 -1.47
C MET A 101 -28.34 11.84 -0.03
N PRO A 102 -27.08 11.95 0.32
CA PRO A 102 -26.76 12.21 1.71
C PRO A 102 -26.88 13.65 2.06
N LYS A 103 -27.71 13.97 3.02
CA LYS A 103 -28.00 15.34 3.39
C LYS A 103 -27.42 15.77 4.74
N ASN A 104 -27.47 14.93 5.77
N ASN A 104 -27.47 14.89 5.75
CA ASN A 104 -26.87 15.32 7.04
CA ASN A 104 -26.94 15.18 7.08
C ASN A 104 -26.00 14.21 7.58
C ASN A 104 -25.91 14.12 7.45
N VAL A 105 -24.86 14.61 8.14
N VAL A 105 -24.87 14.53 8.17
CA VAL A 105 -23.78 13.71 8.52
CA VAL A 105 -23.77 13.64 8.50
C VAL A 105 -23.34 14.03 9.94
C VAL A 105 -23.21 14.01 9.86
N PHE A 106 -23.00 13.00 10.69
CA PHE A 106 -22.43 13.13 12.02
C PHE A 106 -21.00 12.57 11.97
N ILE A 107 -20.03 13.33 12.49
CA ILE A 107 -18.65 12.87 12.58
C ILE A 107 -18.36 12.54 14.03
N MET A 108 -18.04 11.27 14.32
CA MET A 108 -17.46 10.94 15.62
C MET A 108 -15.98 11.29 15.61
N GLY A 109 -15.59 12.33 16.32
CA GLY A 109 -14.21 12.80 16.31
C GLY A 109 -14.03 13.92 15.29
N GLY A 110 -13.05 13.77 14.41
CA GLY A 110 -12.84 14.73 13.33
C GLY A 110 -12.44 16.13 13.73
N GLY A 111 -11.82 16.31 14.91
CA GLY A 111 -11.51 17.64 15.40
C GLY A 111 -10.53 18.45 14.54
N GLU A 112 -9.76 17.79 13.68
CA GLU A 112 -8.79 18.49 12.84
C GLU A 112 -9.45 19.32 11.73
N GLY A 113 -10.70 19.04 11.36
CA GLY A 113 -11.37 19.82 10.33
C GLY A 113 -11.31 19.25 8.93
N SER A 114 -10.46 18.24 8.69
CA SER A 114 -10.24 17.76 7.32
C SER A 114 -11.35 16.81 6.86
N THR A 115 -11.91 16.03 7.79
CA THR A 115 -13.09 15.23 7.47
C THR A 115 -14.25 16.13 7.12
N ALA A 116 -14.56 17.12 7.96
CA ALA A 116 -15.59 18.09 7.62
C ALA A 116 -15.32 18.73 6.26
N ARG A 117 -14.07 19.14 6.01
CA ARG A 117 -13.71 19.76 4.73
C ARG A 117 -14.12 18.88 3.55
N GLU A 118 -13.80 17.58 3.61
CA GLU A 118 -14.15 16.70 2.49
C GLU A 118 -15.66 16.48 2.40
N LEU A 119 -16.35 16.41 3.50
CA LEU A 119 -17.75 16.25 3.47
C LEU A 119 -18.38 17.50 2.89
N LEU A 120 -17.89 18.66 3.22
CA LEU A 120 -18.50 19.89 2.73
C LEU A 120 -18.22 20.14 1.24
N ARG A 121 -17.51 19.23 0.61
CA ARG A 121 -17.25 19.32 -0.79
C ARG A 121 -18.47 18.78 -1.55
N HIS A 122 -19.34 18.08 -0.88
CA HIS A 122 -20.51 17.54 -1.49
C HIS A 122 -21.64 18.54 -1.51
N LYS A 123 -22.21 18.81 -2.65
CA LYS A 123 -23.28 19.79 -2.74
C LYS A 123 -24.59 19.28 -2.15
N THR A 124 -24.75 17.96 -1.99
CA THR A 124 -25.97 17.42 -1.41
C THR A 124 -26.05 17.62 0.10
N ILE A 125 -24.94 17.92 0.73
CA ILE A 125 -24.91 18.06 2.16
C ILE A 125 -25.53 19.33 2.66
N ASP A 126 -26.41 19.22 3.64
CA ASP A 126 -27.04 20.38 4.27
C ASP A 126 -26.56 20.65 5.67
N LYS A 127 -26.13 19.61 6.39
CA LYS A 127 -25.65 19.79 7.76
C LYS A 127 -24.59 18.76 8.04
N VAL A 128 -23.51 19.21 8.68
CA VAL A 128 -22.45 18.38 9.24
C VAL A 128 -22.34 18.73 10.72
N VAL A 129 -22.37 17.70 11.57
CA VAL A 129 -22.12 17.87 12.99
C VAL A 129 -20.80 17.18 13.27
N MET A 130 -19.84 17.93 13.80
CA MET A 130 -18.55 17.39 14.20
C MET A 130 -18.58 17.26 15.72
N CYS A 131 -18.40 16.05 16.22
CA CYS A 131 -18.47 15.82 17.66
C CYS A 131 -17.11 15.29 18.13
N ASP A 132 -16.29 16.19 18.66
CA ASP A 132 -14.98 15.84 19.17
C ASP A 132 -14.97 16.09 20.67
N ILE A 133 -14.29 15.20 21.40
CA ILE A 133 -14.26 15.30 22.85
C ILE A 133 -13.27 16.35 23.34
N ASP A 134 -12.33 16.78 22.49
CA ASP A 134 -11.22 17.63 22.94
C ASP A 134 -11.31 18.98 22.24
N GLU A 135 -11.90 19.98 22.91
CA GLU A 135 -12.00 21.31 22.30
C GLU A 135 -10.62 21.91 22.03
N GLU A 136 -9.60 21.49 22.77
CA GLU A 136 -8.24 21.99 22.51
C GLU A 136 -7.83 21.67 21.08
N VAL A 137 -8.06 20.44 20.63
CA VAL A 137 -7.70 20.05 19.27
C VAL A 137 -8.49 20.87 18.27
N VAL A 138 -9.79 21.05 18.51
CA VAL A 138 -10.64 21.78 17.56
C VAL A 138 -10.15 23.21 17.40
N GLU A 139 -9.99 23.91 18.53
CA GLU A 139 -9.59 25.31 18.47
C GLU A 139 -8.19 25.46 17.87
N PHE A 140 -7.30 24.50 18.17
CA PHE A 140 -5.96 24.57 17.59
C PHE A 140 -6.00 24.43 16.07
N CYS A 141 -6.68 23.41 15.56
CA CYS A 141 -6.73 23.20 14.12
C CYS A 141 -7.49 24.30 13.40
N LYS A 142 -8.56 24.79 14.04
CA LYS A 142 -9.31 25.91 13.48
C LYS A 142 -8.41 27.09 13.15
N SER A 143 -7.42 27.39 14.01
CA SER A 143 -6.49 28.49 13.76
C SER A 143 -5.25 28.11 12.96
N TYR A 144 -4.73 26.89 13.11
CA TYR A 144 -3.43 26.56 12.52
C TYR A 144 -3.50 25.67 11.28
N LEU A 145 -4.57 24.91 11.06
CA LEU A 145 -4.71 24.12 9.84
C LEU A 145 -5.57 24.94 8.87
N VAL A 146 -4.94 25.91 8.23
CA VAL A 146 -5.66 26.86 7.40
C VAL A 146 -6.28 26.19 6.19
N VAL A 147 -5.73 25.06 5.73
CA VAL A 147 -6.37 24.30 4.66
C VAL A 147 -7.84 24.00 4.99
N ASN A 148 -8.21 24.08 6.26
CA ASN A 148 -9.55 23.74 6.72
C ASN A 148 -10.35 24.96 7.14
N LYS A 149 -9.84 26.17 6.84
CA LYS A 149 -10.45 27.38 7.39
C LYS A 149 -11.87 27.57 6.85
N GLU A 150 -12.05 27.43 5.54
CA GLU A 150 -13.38 27.67 4.98
C GLU A 150 -14.37 26.63 5.47
N ALA A 151 -13.92 25.38 5.63
CA ALA A 151 -14.75 24.33 6.24
C ALA A 151 -15.23 24.71 7.63
N PHE A 152 -14.32 25.20 8.48
CA PHE A 152 -14.69 25.61 9.83
C PHE A 152 -15.66 26.78 9.83
N HIS A 153 -15.65 27.59 8.78
CA HIS A 153 -16.56 28.73 8.74
C HIS A 153 -17.79 28.49 7.87
N ASP A 154 -17.96 27.27 7.39
CA ASP A 154 -19.13 26.93 6.59
C ASP A 154 -20.38 26.94 7.47
N SER A 155 -21.43 27.63 7.02
CA SER A 155 -22.65 27.70 7.81
C SER A 155 -23.32 26.35 8.03
N ARG A 156 -22.92 25.32 7.28
CA ARG A 156 -23.52 24.01 7.44
C ARG A 156 -22.87 23.18 8.52
N LEU A 157 -21.73 23.63 9.06
CA LEU A 157 -21.01 22.85 10.05
C LEU A 157 -21.45 23.28 11.44
N GLU A 158 -21.69 22.31 12.32
CA GLU A 158 -21.85 22.55 13.75
C GLU A 158 -20.82 21.74 14.50
N VAL A 159 -20.13 22.38 15.42
CA VAL A 159 -19.12 21.72 16.25
C VAL A 159 -19.73 21.45 17.61
N VAL A 160 -19.62 20.21 18.07
CA VAL A 160 -20.11 19.82 19.39
C VAL A 160 -18.92 19.24 20.15
N ILE A 161 -18.74 19.67 21.38
CA ILE A 161 -17.65 19.18 22.23
C ILE A 161 -18.27 18.21 23.22
N ASN A 162 -18.18 16.92 22.93
CA ASN A 162 -18.79 15.90 23.78
C ASN A 162 -18.20 14.56 23.39
N ASP A 163 -18.35 13.59 24.30
CA ASP A 163 -18.20 12.20 23.92
C ASP A 163 -19.25 11.88 22.86
N ALA A 164 -18.82 11.21 21.78
CA ALA A 164 -19.73 10.93 20.67
C ALA A 164 -20.90 10.04 21.09
N LYS A 165 -20.62 8.99 21.88
CA LYS A 165 -21.70 8.11 22.35
C LYS A 165 -22.71 8.89 23.17
N ALA A 166 -22.25 9.76 24.07
CA ALA A 166 -23.18 10.56 24.87
C ALA A 166 -24.02 11.47 23.99
N GLU A 167 -23.39 12.09 22.99
CA GLU A 167 -24.11 13.00 22.09
C GLU A 167 -25.19 12.25 21.31
N LEU A 168 -24.84 11.10 20.72
CA LEU A 168 -25.80 10.37 19.90
C LEU A 168 -26.97 9.86 20.73
N GLU A 169 -26.71 9.43 21.96
CA GLU A 169 -27.82 9.02 22.83
C GLU A 169 -28.63 10.22 23.32
N GLY A 170 -28.00 11.39 23.43
CA GLY A 170 -28.67 12.57 23.94
C GLY A 170 -29.65 13.23 22.99
N LYS A 171 -29.60 12.90 21.70
CA LYS A 171 -30.45 13.50 20.71
C LYS A 171 -31.14 12.41 19.90
N GLU A 172 -32.38 12.67 19.48
CA GLU A 172 -33.17 11.71 18.72
C GLU A 172 -33.06 11.95 17.22
N GLU A 173 -32.06 12.72 16.78
CA GLU A 173 -31.88 13.01 15.37
C GLU A 173 -31.10 11.91 14.67
N LYS A 174 -31.55 11.56 13.46
CA LYS A 174 -30.88 10.55 12.64
C LYS A 174 -30.10 11.23 11.53
N TYR A 175 -29.17 10.47 10.94
CA TYR A 175 -28.26 10.98 9.92
C TYR A 175 -28.26 10.05 8.71
N ASP A 176 -27.88 10.60 7.55
CA ASP A 176 -27.73 9.73 6.38
C ASP A 176 -26.39 9.01 6.40
N VAL A 177 -25.39 9.64 6.96
CA VAL A 177 -24.09 9.05 7.10
C VAL A 177 -23.50 9.39 8.47
N ILE A 178 -22.88 8.44 9.12
CA ILE A 178 -22.12 8.70 10.34
C ILE A 178 -20.68 8.27 10.08
N VAL A 179 -19.74 9.16 10.36
CA VAL A 179 -18.33 8.95 10.05
C VAL A 179 -17.57 8.76 11.35
N GLY A 180 -16.93 7.60 11.52
CA GLY A 180 -16.07 7.36 12.66
C GLY A 180 -14.66 7.80 12.35
N ASP A 181 -14.23 8.87 13.01
CA ASP A 181 -12.87 9.36 12.83
C ASP A 181 -12.14 9.44 14.16
N LEU A 182 -12.17 8.35 14.94
CA LEU A 182 -11.56 8.31 16.24
C LEU A 182 -10.23 7.57 16.19
N ALA A 183 -9.54 7.53 17.33
CA ALA A 183 -8.31 6.77 17.49
C ALA A 183 -8.61 5.27 17.48
N ASP A 184 -7.55 4.48 17.31
CA ASP A 184 -7.70 3.04 17.20
C ASP A 184 -8.16 2.46 18.54
N PRO A 185 -9.04 1.46 18.52
CA PRO A 185 -9.56 0.90 19.78
C PRO A 185 -8.47 0.21 20.59
N ILE A 186 -8.20 0.77 21.76
CA ILE A 186 -7.41 0.10 22.78
C ILE A 186 -8.21 0.19 24.07
N GLU A 187 -8.34 -0.94 24.75
CA GLU A 187 -9.19 -1.05 25.94
C GLU A 187 -8.78 -0.04 27.01
N GLY A 188 -9.78 0.59 27.62
CA GLY A 188 -9.56 1.62 28.60
C GLY A 188 -9.59 3.03 28.04
N GLY A 189 -9.37 3.19 26.73
CA GLY A 189 -9.44 4.49 26.10
C GLY A 189 -10.87 4.95 25.98
N PRO A 190 -11.09 6.26 25.90
CA PRO A 190 -12.46 6.78 25.74
C PRO A 190 -13.09 6.41 24.41
N CYS A 191 -12.31 5.84 23.48
CA CYS A 191 -12.77 5.54 22.14
C CYS A 191 -13.09 4.07 21.94
N TYR A 192 -12.72 3.20 22.87
CA TYR A 192 -12.96 1.77 22.69
C TYR A 192 -14.44 1.46 22.54
N LYS A 193 -15.27 2.05 23.40
CA LYS A 193 -16.70 1.75 23.41
C LYS A 193 -17.37 2.13 22.10
N LEU A 194 -16.75 2.98 21.28
CA LEU A 194 -17.34 3.36 20.01
C LEU A 194 -17.05 2.36 18.90
N TYR A 195 -16.58 1.17 19.25
CA TYR A 195 -16.36 0.09 18.30
C TYR A 195 -17.03 -1.21 18.71
N THR A 196 -17.78 -1.23 19.81
CA THR A 196 -18.37 -2.46 20.30
C THR A 196 -19.66 -2.80 19.55
N LYS A 197 -19.96 -4.09 19.51
CA LYS A 197 -21.20 -4.56 18.88
C LYS A 197 -22.41 -3.85 19.48
N ASP A 198 -22.44 -3.73 20.76
CA ASP A 198 -23.55 -3.13 21.44
C ASP A 198 -23.71 -1.72 21.01
N PHE A 199 -22.61 -1.02 20.88
CA PHE A 199 -22.68 0.37 20.47
C PHE A 199 -23.25 0.51 19.06
N TYR A 200 -22.66 -0.23 18.11
CA TYR A 200 -23.14 -0.20 16.74
C TYR A 200 -24.64 -0.51 16.66
N GLU A 201 -25.10 -1.47 17.46
CA GLU A 201 -26.45 -1.97 17.25
C GLU A 201 -27.50 -1.22 18.08
N LEU A 202 -27.17 -0.86 19.31
CA LEU A 202 -28.17 -0.22 20.16
C LEU A 202 -28.12 1.30 20.12
N THR A 203 -27.00 1.89 19.71
CA THR A 203 -26.83 3.34 19.73
C THR A 203 -26.66 3.95 18.34
N LEU A 204 -25.78 3.38 17.51
CA LEU A 204 -25.51 3.98 16.21
C LEU A 204 -26.59 3.67 15.18
N LYS A 205 -26.87 2.39 14.96
CA LYS A 205 -27.87 2.02 13.96
C LYS A 205 -29.21 2.71 14.14
N PRO A 206 -29.77 2.85 15.35
CA PRO A 206 -31.03 3.61 15.49
C PRO A 206 -30.95 5.02 14.96
N LYS A 207 -29.76 5.60 14.87
CA LYS A 207 -29.59 6.99 14.46
C LYS A 207 -29.19 7.13 13.00
N LEU A 208 -29.34 6.06 12.22
CA LEU A 208 -29.13 6.11 10.78
C LEU A 208 -30.48 6.11 10.09
N LYS A 209 -30.63 6.95 9.07
CA LYS A 209 -31.90 6.92 8.37
C LYS A 209 -31.93 5.73 7.40
N LYS A 210 -33.09 5.53 6.78
CA LYS A 210 -33.18 4.44 5.81
C LYS A 210 -32.16 4.66 4.72
N GLY A 211 -31.50 3.57 4.31
CA GLY A 211 -30.35 3.70 3.44
C GLY A 211 -29.11 4.29 4.10
N GLY A 212 -29.17 4.64 5.37
CA GLY A 212 -28.03 5.27 6.02
C GLY A 212 -26.79 4.39 5.94
N ILE A 213 -25.64 5.04 5.99
CA ILE A 213 -24.36 4.37 5.84
C ILE A 213 -23.44 4.82 6.97
N PHE A 214 -22.77 3.86 7.60
CA PHE A 214 -21.75 4.13 8.58
C PHE A 214 -20.40 3.78 7.99
N VAL A 215 -19.41 4.63 8.20
CA VAL A 215 -18.05 4.33 7.82
C VAL A 215 -17.16 4.73 8.98
N THR A 216 -16.20 3.88 9.33
CA THR A 216 -15.22 4.22 10.36
C THR A 216 -13.83 3.94 9.82
N GLN A 217 -12.86 4.73 10.29
CA GLN A 217 -11.48 4.31 10.10
C GLN A 217 -11.26 3.03 10.89
N ALA A 218 -10.38 2.17 10.38
CA ALA A 218 -10.34 0.81 10.92
C ALA A 218 -8.91 0.36 11.17
N GLY A 219 -8.00 1.30 11.45
CA GLY A 219 -6.66 0.98 11.86
C GLY A 219 -5.78 0.51 10.73
N PRO A 220 -4.54 0.11 11.04
CA PRO A 220 -3.65 -0.41 9.99
C PRO A 220 -4.25 -1.62 9.29
N ALA A 221 -3.91 -1.76 8.00
CA ALA A 221 -4.42 -2.83 7.14
C ALA A 221 -3.33 -3.42 6.28
N GLY A 222 -2.08 -3.41 6.75
CA GLY A 222 -1.00 -4.05 6.04
C GLY A 222 -1.11 -5.55 6.16
N ILE A 223 -0.21 -6.24 5.45
CA ILE A 223 -0.34 -7.70 5.31
C ILE A 223 -0.25 -8.37 6.66
N PHE A 224 0.53 -7.80 7.60
CA PHE A 224 0.52 -8.32 8.96
C PHE A 224 -0.19 -7.40 9.96
N SER A 225 -0.09 -6.07 9.81
CA SER A 225 -0.70 -5.17 10.77
C SER A 225 -2.23 -5.18 10.74
N HIS A 226 -2.86 -5.80 9.74
CA HIS A 226 -4.31 -5.74 9.65
C HIS A 226 -4.99 -6.57 10.75
N THR A 227 -4.25 -7.47 11.41
CA THR A 227 -4.86 -8.33 12.42
C THR A 227 -5.02 -7.65 13.78
N GLU A 228 -4.51 -6.43 13.95
CA GLU A 228 -4.61 -5.76 15.24
C GLU A 228 -6.06 -5.32 15.50
N VAL A 229 -6.61 -4.46 14.64
CA VAL A 229 -7.95 -3.93 14.85
C VAL A 229 -8.78 -4.12 13.58
N PHE A 230 -8.13 -4.04 12.41
CA PHE A 230 -8.86 -4.00 11.14
C PHE A 230 -9.80 -5.20 11.02
N SER A 231 -9.28 -6.40 11.25
CA SER A 231 -10.13 -7.58 11.09
C SER A 231 -11.21 -7.65 12.17
N CYS A 232 -10.91 -7.17 13.36
CA CYS A 232 -11.91 -7.19 14.40
C CYS A 232 -12.97 -6.18 14.16
N ILE A 233 -12.62 -5.00 13.68
CA ILE A 233 -13.65 -4.02 13.37
C ILE A 233 -14.55 -4.52 12.26
N TYR A 234 -13.95 -5.12 11.22
CA TYR A 234 -14.76 -5.71 10.15
C TYR A 234 -15.74 -6.74 10.71
N ASN A 235 -15.23 -7.65 11.51
CA ASN A 235 -16.05 -8.71 12.06
C ASN A 235 -17.13 -8.21 12.94
N THR A 236 -16.85 -7.18 13.70
CA THR A 236 -17.82 -6.63 14.59
C THR A 236 -18.96 -6.05 13.80
N LEU A 237 -18.67 -5.12 12.90
CA LEU A 237 -19.72 -4.56 12.05
C LEU A 237 -20.49 -5.64 11.30
N ARG A 238 -19.83 -6.74 10.93
CA ARG A 238 -20.54 -7.81 10.22
C ARG A 238 -21.62 -8.45 11.09
N GLN A 239 -21.50 -8.34 12.42
CA GLN A 239 -22.53 -8.82 13.32
C GLN A 239 -23.75 -7.91 13.37
N VAL A 240 -23.67 -6.70 12.82
CA VAL A 240 -24.70 -5.69 13.07
C VAL A 240 -25.37 -5.24 11.78
N PHE A 241 -24.62 -5.19 10.68
CA PHE A 241 -25.08 -4.63 9.43
C PHE A 241 -25.13 -5.69 8.33
N LYS A 242 -26.12 -5.55 7.45
CA LYS A 242 -26.31 -6.49 6.35
C LYS A 242 -25.11 -6.49 5.41
N TYR A 243 -24.71 -5.30 4.96
CA TYR A 243 -23.63 -5.13 4.01
C TYR A 243 -22.47 -4.43 4.70
N VAL A 244 -21.29 -5.06 4.68
CA VAL A 244 -20.08 -4.51 5.29
C VAL A 244 -18.96 -4.60 4.26
N VAL A 245 -18.39 -3.45 3.91
CA VAL A 245 -17.37 -3.39 2.87
C VAL A 245 -16.06 -2.84 3.45
N PRO A 246 -15.04 -3.67 3.64
CA PRO A 246 -13.74 -3.13 4.07
C PRO A 246 -12.90 -2.72 2.86
N TYR A 247 -11.98 -1.79 3.11
CA TYR A 247 -11.12 -1.30 2.04
C TYR A 247 -9.94 -0.57 2.64
N SER A 248 -8.88 -0.43 1.85
CA SER A 248 -7.63 0.10 2.41
C SER A 248 -6.83 0.82 1.34
N ALA A 249 -5.84 1.59 1.80
CA ALA A 249 -5.03 2.40 0.90
C ALA A 249 -3.76 2.82 1.62
N HIS A 250 -2.66 2.85 0.86
CA HIS A 250 -1.38 3.26 1.40
C HIS A 250 -1.38 4.74 1.75
N ILE A 251 -0.86 5.07 2.93
CA ILE A 251 -0.66 6.47 3.30
C ILE A 251 0.80 6.62 3.69
N PRO A 252 1.62 7.27 2.84
CA PRO A 252 3.08 7.26 3.08
C PRO A 252 3.46 7.78 4.45
N SER A 253 2.86 8.88 4.90
CA SER A 253 3.22 9.41 6.21
C SER A 253 2.87 8.44 7.33
N TYR A 254 2.05 7.46 7.09
CA TYR A 254 1.72 6.50 8.13
C TYR A 254 2.60 5.29 8.07
N ALA A 255 3.43 5.23 7.07
CA ALA A 255 4.26 4.09 6.80
C ALA A 255 3.53 2.77 6.85
N ASP A 256 2.31 2.72 6.30
CA ASP A 256 1.51 1.50 6.30
C ASP A 256 0.31 1.70 5.38
N ILE A 257 -0.34 0.58 5.06
CA ILE A 257 -1.69 0.59 4.55
C ILE A 257 -2.63 0.96 5.69
N TRP A 258 -3.57 1.87 5.44
CA TRP A 258 -4.61 2.17 6.41
C TRP A 258 -5.94 1.64 5.93
N GLY A 259 -6.82 1.29 6.86
CA GLY A 259 -8.08 0.64 6.53
C GLY A 259 -9.28 1.45 6.97
N TRP A 260 -10.40 1.23 6.28
CA TRP A 260 -11.72 1.77 6.60
C TRP A 260 -12.76 0.70 6.31
N VAL A 261 -13.95 0.85 6.90
CA VAL A 261 -15.02 -0.13 6.73
C VAL A 261 -16.33 0.61 6.51
N LEU A 262 -17.02 0.30 5.40
CA LEU A 262 -18.38 0.76 5.16
C LEU A 262 -19.37 -0.25 5.73
N ALA A 263 -20.48 0.25 6.26
CA ALA A 263 -21.53 -0.65 6.72
C ALA A 263 -22.88 0.01 6.50
N SER A 264 -23.86 -0.79 6.05
CA SER A 264 -25.20 -0.28 5.77
C SER A 264 -26.17 -1.45 5.71
N ASP A 265 -27.45 -1.14 5.94
CA ASP A 265 -28.47 -2.17 5.76
C ASP A 265 -29.09 -2.15 4.37
N SER A 266 -28.74 -1.17 3.54
CA SER A 266 -28.97 -1.04 2.11
C SER A 266 -27.69 -1.40 1.36
N PRO A 267 -27.79 -1.97 0.15
CA PRO A 267 -26.58 -2.49 -0.50
C PRO A 267 -25.53 -1.41 -0.74
N LEU A 268 -24.26 -1.86 -0.81
CA LEU A 268 -23.11 -0.99 -1.06
C LEU A 268 -22.38 -1.55 -2.27
N ASP A 269 -22.90 -1.24 -3.45
CA ASP A 269 -22.60 -2.02 -4.65
C ASP A 269 -22.70 -1.14 -5.90
N LEU A 270 -21.73 -0.27 -6.12
CA LEU A 270 -21.69 0.60 -7.28
C LEU A 270 -20.46 0.29 -8.12
N SER A 271 -20.60 0.41 -9.44
CA SER A 271 -19.43 0.20 -10.27
C SER A 271 -18.52 1.43 -10.20
N ALA A 272 -17.27 1.25 -10.63
CA ALA A 272 -16.34 2.37 -10.69
C ALA A 272 -16.90 3.51 -11.53
N GLU A 273 -17.60 3.18 -12.62
CA GLU A 273 -18.17 4.21 -13.49
C GLU A 273 -19.32 4.95 -12.82
N GLU A 274 -20.12 4.25 -12.00
CA GLU A 274 -21.24 4.92 -11.35
C GLU A 274 -20.75 5.82 -10.23
N LEU A 275 -19.69 5.39 -9.55
CA LEU A 275 -19.02 6.23 -8.57
C LEU A 275 -18.47 7.49 -9.22
N ASP A 276 -17.92 7.37 -10.43
CA ASP A 276 -17.32 8.53 -11.09
C ASP A 276 -18.38 9.52 -11.55
N ILE A 277 -19.48 9.03 -12.12
CA ILE A 277 -20.54 9.93 -12.53
C ILE A 277 -21.04 10.73 -11.34
N ARG A 278 -21.21 10.06 -10.20
CA ARG A 278 -21.63 10.72 -8.97
C ARG A 278 -20.62 11.75 -8.49
N MET A 279 -19.32 11.43 -8.57
CA MET A 279 -18.30 12.39 -8.13
C MET A 279 -18.39 13.67 -8.94
N ARG A 280 -18.52 13.53 -10.26
CA ARG A 280 -18.65 14.69 -11.13
C ARG A 280 -19.93 15.47 -10.85
N GLN A 281 -20.98 14.81 -10.37
CA GLN A 281 -22.25 15.48 -10.16
C GLN A 281 -22.36 16.13 -8.80
N ARG A 282 -21.77 15.49 -7.79
CA ARG A 282 -21.90 15.90 -6.39
C ARG A 282 -20.78 16.53 -5.65
N ILE A 283 -19.58 16.33 -6.07
CA ILE A 283 -18.44 16.93 -5.42
C ILE A 283 -17.81 18.10 -6.14
N ILE A 284 -17.64 19.20 -5.44
CA ILE A 284 -17.01 20.36 -6.05
C ILE A 284 -15.56 20.14 -6.02
N GLU A 285 -14.97 20.36 -7.17
CA GLU A 285 -13.57 20.19 -7.47
C GLU A 285 -13.15 18.72 -7.68
N GLU A 286 -11.97 18.47 -8.16
CA GLU A 286 -11.61 17.10 -8.44
C GLU A 286 -10.94 16.44 -7.29
N ASN A 287 -11.27 15.20 -7.00
CA ASN A 287 -10.57 14.47 -5.97
C ASN A 287 -9.11 14.31 -6.38
N ARG A 288 -8.22 14.41 -5.43
CA ARG A 288 -6.80 14.22 -5.70
C ARG A 288 -6.39 12.75 -5.63
N TYR A 289 -7.09 11.93 -4.85
CA TYR A 289 -6.69 10.54 -4.71
C TYR A 289 -7.71 9.57 -5.26
N LEU A 290 -8.99 9.84 -5.05
CA LEU A 290 -10.01 8.81 -5.19
C LEU A 290 -10.81 8.98 -6.47
N ASP A 291 -10.76 7.98 -7.34
CA ASP A 291 -11.75 7.81 -8.40
C ASP A 291 -12.42 6.44 -8.22
N GLY A 292 -13.42 6.16 -9.07
CA GLY A 292 -14.20 4.96 -8.87
C GLY A 292 -13.36 3.69 -8.96
N LYS A 293 -12.43 3.66 -9.92
CA LYS A 293 -11.52 2.52 -10.04
C LYS A 293 -10.63 2.38 -8.82
N THR A 294 -10.22 3.51 -8.23
CA THR A 294 -9.41 3.42 -7.01
C THR A 294 -10.20 2.78 -5.89
N PHE A 295 -11.48 3.13 -5.75
CA PHE A 295 -12.26 2.51 -4.68
C PHE A 295 -12.45 1.02 -4.90
N VAL A 296 -12.77 0.60 -6.14
CA VAL A 296 -12.93 -0.83 -6.41
C VAL A 296 -11.64 -1.58 -6.07
N SER A 297 -10.50 -1.04 -6.52
CA SER A 297 -9.21 -1.61 -6.14
C SER A 297 -9.03 -1.64 -4.63
N SER A 298 -9.42 -0.56 -3.93
CA SER A 298 -9.21 -0.50 -2.49
C SER A 298 -10.04 -1.54 -1.76
N SER A 299 -11.23 -1.85 -2.30
CA SER A 299 -12.15 -2.79 -1.66
C SER A 299 -11.87 -4.23 -2.08
N THR A 300 -10.90 -4.45 -2.97
CA THR A 300 -10.42 -5.79 -3.30
C THR A 300 -9.17 -6.01 -2.46
N LEU A 301 -9.31 -6.74 -1.38
CA LEU A 301 -8.18 -6.94 -0.50
C LEU A 301 -7.34 -8.11 -1.00
N SER A 302 -6.14 -8.24 -0.43
CA SER A 302 -5.27 -9.33 -0.86
C SER A 302 -5.76 -10.65 -0.26
N LYS A 303 -5.24 -11.75 -0.82
CA LYS A 303 -5.68 -13.08 -0.41
C LYS A 303 -5.59 -13.26 1.10
N ALA A 304 -4.43 -12.99 1.68
CA ALA A 304 -4.25 -13.23 3.12
C ALA A 304 -5.14 -12.30 3.95
N VAL A 305 -5.29 -11.04 3.52
CA VAL A 305 -6.13 -10.12 4.28
C VAL A 305 -7.60 -10.52 4.14
N ARG A 306 -8.03 -10.89 2.93
CA ARG A 306 -9.38 -11.41 2.74
C ARG A 306 -9.61 -12.64 3.62
N ASN A 307 -8.72 -13.64 3.52
CA ASN A 307 -8.88 -14.86 4.29
C ASN A 307 -8.93 -14.56 5.78
N SER A 308 -8.09 -13.62 6.24
CA SER A 308 -8.08 -13.25 7.65
C SER A 308 -9.40 -12.65 8.07
N LEU A 309 -9.89 -11.66 7.32
CA LEU A 309 -11.17 -11.04 7.68
C LEU A 309 -12.32 -12.02 7.53
N ASN A 310 -12.22 -13.00 6.63
CA ASN A 310 -13.29 -13.97 6.45
C ASN A 310 -13.39 -14.90 7.66
N ASN A 311 -12.25 -15.39 8.14
CA ASN A 311 -12.21 -16.32 9.27
C ASN A 311 -12.10 -15.63 10.61
N GLU A 312 -12.21 -14.33 10.64
CA GLU A 312 -12.04 -13.64 11.89
C GLU A 312 -13.13 -14.00 12.85
N THR A 313 -12.78 -14.24 14.09
CA THR A 313 -13.74 -14.57 15.13
C THR A 313 -14.14 -13.57 16.16
N HIS A 314 -13.21 -12.73 16.55
CA HIS A 314 -13.39 -11.73 17.59
C HIS A 314 -14.42 -10.67 17.22
N VAL A 315 -15.20 -10.25 18.21
CA VAL A 315 -16.15 -9.19 18.14
C VAL A 315 -15.87 -8.27 19.30
N TYR A 316 -15.93 -6.95 19.15
CA TYR A 316 -15.68 -6.04 20.26
C TYR A 316 -16.92 -5.95 21.15
N THR A 317 -16.74 -5.97 22.46
CA THR A 317 -17.84 -5.98 23.41
C THR A 317 -17.37 -5.39 24.74
N GLU A 318 -18.32 -5.21 25.65
CA GLU A 318 -18.00 -4.81 27.02
C GLU A 318 -18.76 -5.63 28.03
N LYS B 27 14.92 -2.02 22.61
CA LYS B 27 15.00 -0.63 22.18
C LYS B 27 16.47 -0.21 22.05
N SER B 28 17.39 -1.14 22.21
CA SER B 28 18.74 -0.70 22.14
C SER B 28 19.55 -0.79 20.86
N CYS B 29 19.39 -1.81 20.06
CA CYS B 29 20.21 -1.90 18.85
C CYS B 29 19.34 -1.68 17.62
N TRP B 30 19.81 -0.84 16.70
CA TRP B 30 19.02 -0.44 15.55
C TRP B 30 19.88 -0.46 14.30
N TYR B 31 19.25 -0.82 13.19
CA TYR B 31 19.81 -0.58 11.87
C TYR B 31 19.04 0.57 11.25
N GLU B 32 19.75 1.44 10.55
CA GLU B 32 19.18 2.68 10.06
C GLU B 32 19.31 2.71 8.56
N GLU B 33 18.23 3.07 7.89
CA GLU B 33 18.22 3.17 6.45
C GLU B 33 17.70 4.56 6.10
N GLU B 34 18.47 5.26 5.28
CA GLU B 34 18.03 6.50 4.66
C GLU B 34 17.19 6.13 3.46
N ILE B 35 15.89 6.26 3.53
CA ILE B 35 15.06 5.89 2.42
C ILE B 35 15.12 6.97 1.38
N GLU B 36 14.88 8.16 1.82
CA GLU B 36 14.96 9.34 0.99
C GLU B 36 15.92 10.31 1.66
N GLU B 37 16.09 11.51 1.14
CA GLU B 37 17.04 12.39 1.80
C GLU B 37 16.62 12.74 3.19
N ASN B 38 15.35 12.98 3.40
CA ASN B 38 14.84 13.39 4.66
C ASN B 38 14.00 12.39 5.38
N LEU B 39 14.24 11.13 5.12
CA LEU B 39 13.45 10.12 5.72
C LEU B 39 14.27 8.91 6.06
N ARG B 40 14.28 8.52 7.32
CA ARG B 40 14.99 7.35 7.81
C ARG B 40 14.02 6.31 8.36
N TRP B 41 14.43 5.06 8.28
CA TRP B 41 13.61 3.88 8.53
C TRP B 41 14.50 2.96 9.37
N CYS B 42 14.18 2.82 10.65
CA CYS B 42 15.04 2.11 11.60
C CYS B 42 14.32 0.89 12.14
N PHE B 43 15.02 -0.22 12.18
CA PHE B 43 14.48 -1.39 12.78
C PHE B 43 15.40 -1.97 13.83
N ALA B 44 14.82 -2.44 14.91
CA ALA B 44 15.60 -3.04 15.97
C ALA B 44 16.21 -4.34 15.50
N LEU B 45 17.35 -4.67 16.09
CA LEU B 45 18.23 -5.76 15.67
C LEU B 45 18.30 -6.80 16.77
N ASN B 46 18.11 -8.07 16.40
CA ASN B 46 18.54 -9.17 17.26
C ASN B 46 20.04 -9.43 17.10
N SER B 47 20.54 -9.41 15.87
CA SER B 47 21.95 -9.69 15.64
C SER B 47 22.37 -9.27 14.25
N ILE B 48 23.69 -9.19 14.06
CA ILE B 48 24.30 -9.13 12.75
C ILE B 48 24.81 -10.54 12.48
N LEU B 49 24.15 -11.24 11.55
CA LEU B 49 24.31 -12.68 11.41
C LEU B 49 25.57 -13.03 10.65
N HIS B 50 25.64 -12.60 9.39
CA HIS B 50 26.79 -12.84 8.54
C HIS B 50 27.10 -11.56 7.78
N THR B 51 28.37 -11.42 7.41
CA THR B 51 28.84 -10.30 6.59
C THR B 51 29.83 -10.83 5.58
N GLY B 52 29.61 -10.49 4.31
CA GLY B 52 30.60 -10.74 3.29
C GLY B 52 30.92 -9.44 2.58
N ALA B 53 31.52 -9.56 1.40
CA ALA B 53 31.69 -8.45 0.48
C ALA B 53 32.23 -8.98 -0.84
N SER B 54 31.86 -8.34 -1.94
CA SER B 54 32.47 -8.57 -3.23
C SER B 54 33.29 -7.33 -3.60
N GLN B 55 33.92 -7.40 -4.78
CA GLN B 55 34.48 -6.20 -5.35
C GLN B 55 33.38 -5.17 -5.64
N TYR B 56 32.12 -5.62 -5.74
CA TYR B 56 30.99 -4.81 -6.16
C TYR B 56 30.26 -4.11 -5.02
N GLN B 57 30.09 -4.77 -3.87
CA GLN B 57 29.22 -4.19 -2.85
C GLN B 57 29.51 -4.83 -1.49
N ASP B 58 29.09 -4.13 -0.45
CA ASP B 58 29.03 -4.70 0.90
C ASP B 58 27.82 -5.61 1.02
N ILE B 59 27.99 -6.71 1.75
CA ILE B 59 26.92 -7.65 2.02
C ILE B 59 26.76 -7.82 3.52
N ALA B 60 25.52 -7.87 3.98
CA ALA B 60 25.21 -8.14 5.37
C ALA B 60 23.90 -8.91 5.45
N LEU B 61 23.83 -9.84 6.40
CA LEU B 61 22.57 -10.48 6.76
C LEU B 61 22.30 -10.11 8.21
N LEU B 62 21.31 -9.24 8.41
CA LEU B 62 20.90 -8.86 9.75
C LEU B 62 19.73 -9.72 10.20
N ASP B 63 19.66 -9.98 11.50
CA ASP B 63 18.48 -10.59 12.11
C ASP B 63 17.71 -9.45 12.78
N THR B 64 16.61 -9.01 12.15
CA THR B 64 15.84 -7.88 12.63
C THR B 64 14.62 -8.33 13.40
N LYS B 65 14.22 -7.53 14.39
CA LYS B 65 13.04 -7.85 15.16
C LYS B 65 11.75 -7.76 14.32
N PRO B 66 11.53 -6.68 13.55
CA PRO B 66 10.21 -6.61 12.86
C PRO B 66 10.12 -7.41 11.58
N PHE B 67 11.24 -7.72 10.91
CA PHE B 67 11.18 -8.37 9.61
C PHE B 67 12.01 -9.64 9.53
N GLY B 68 12.56 -10.11 10.65
CA GLY B 68 13.37 -11.31 10.60
C GLY B 68 14.68 -11.07 9.88
N LYS B 69 15.21 -12.14 9.31
CA LYS B 69 16.45 -12.06 8.56
C LYS B 69 16.30 -11.10 7.38
N ALA B 70 17.23 -10.16 7.29
CA ALA B 70 17.17 -9.09 6.30
C ALA B 70 18.49 -9.03 5.55
N LEU B 71 18.42 -9.08 4.23
CA LEU B 71 19.60 -8.96 3.38
C LEU B 71 19.83 -7.50 3.02
N VAL B 72 21.00 -6.98 3.39
CA VAL B 72 21.34 -5.59 3.17
C VAL B 72 22.54 -5.54 2.24
N LEU B 73 22.38 -4.89 1.10
CA LEU B 73 23.44 -4.79 0.10
C LEU B 73 23.86 -3.34 -0.03
N ASP B 74 25.13 -3.05 0.27
CA ASP B 74 25.66 -1.69 0.28
C ASP B 74 24.81 -0.76 1.13
N GLY B 75 24.37 -1.25 2.29
CA GLY B 75 23.59 -0.44 3.20
C GLY B 75 22.12 -0.28 2.84
N LYS B 76 21.62 -0.98 1.84
CA LYS B 76 20.22 -0.90 1.50
C LYS B 76 19.53 -2.20 1.65
N LEU B 77 18.43 -2.20 2.35
CA LEU B 77 17.67 -3.43 2.55
C LEU B 77 17.11 -3.89 1.21
N GLN B 78 17.46 -5.12 0.81
CA GLN B 78 17.01 -5.68 -0.45
C GLN B 78 15.96 -6.76 -0.30
N SER B 79 15.93 -7.48 0.81
CA SER B 79 14.82 -8.37 1.13
C SER B 79 14.80 -8.65 2.63
N ALA B 80 13.65 -9.10 3.10
CA ALA B 80 13.42 -9.41 4.51
C ALA B 80 12.54 -10.63 4.59
N GLU B 81 12.84 -11.48 5.52
CA GLU B 81 12.23 -12.76 5.63
C GLU B 81 10.76 -12.78 5.81
N THR B 82 10.22 -11.77 6.41
CA THR B 82 8.78 -11.79 6.69
C THR B 82 7.97 -11.51 5.43
N ASP B 83 8.43 -10.61 4.56
CA ASP B 83 7.59 -10.21 3.43
C ASP B 83 8.26 -10.31 2.06
N GLU B 84 9.39 -11.02 1.94
CA GLU B 84 9.97 -11.21 0.61
C GLU B 84 9.04 -12.03 -0.28
N PHE B 85 8.20 -12.89 0.32
CA PHE B 85 7.28 -13.70 -0.49
C PHE B 85 6.33 -12.82 -1.29
N ILE B 86 5.94 -11.67 -0.75
CA ILE B 86 5.10 -10.74 -1.50
C ILE B 86 5.83 -10.24 -2.74
N TYR B 87 7.03 -9.71 -2.56
CA TYR B 87 7.81 -9.20 -3.67
C TYR B 87 8.03 -10.28 -4.72
N HIS B 88 8.42 -11.48 -4.29
CA HIS B 88 8.79 -12.49 -5.28
C HIS B 88 7.59 -13.19 -5.88
N GLU B 89 6.48 -13.34 -5.15
CA GLU B 89 5.26 -13.84 -5.79
C GLU B 89 4.72 -12.83 -6.80
N CYS B 90 4.79 -11.54 -6.49
CA CYS B 90 4.33 -10.50 -7.40
C CYS B 90 5.23 -10.38 -8.62
N LEU B 91 6.54 -10.45 -8.40
CA LEU B 91 7.50 -10.41 -9.50
C LEU B 91 7.23 -11.50 -10.54
N VAL B 92 7.03 -12.74 -10.09
CA VAL B 92 7.16 -13.91 -10.96
C VAL B 92 5.82 -14.41 -11.48
N HIS B 93 4.85 -14.61 -10.61
CA HIS B 93 3.70 -15.43 -11.02
C HIS B 93 2.79 -14.76 -12.05
N PRO B 94 2.54 -13.44 -12.00
CA PRO B 94 1.71 -12.83 -13.06
C PRO B 94 2.23 -13.09 -14.47
N ALA B 95 3.55 -12.96 -14.69
CA ALA B 95 4.11 -13.08 -16.04
C ALA B 95 3.91 -14.47 -16.60
N LEU B 96 4.20 -15.50 -15.80
CA LEU B 96 4.16 -16.84 -16.34
C LEU B 96 2.74 -17.38 -16.43
N LEU B 97 1.84 -16.89 -15.60
CA LEU B 97 0.43 -17.28 -15.68
C LEU B 97 -0.21 -16.72 -16.95
N HIS B 98 0.17 -15.50 -17.35
CA HIS B 98 -0.35 -15.02 -18.63
C HIS B 98 0.32 -15.69 -19.82
N HIS B 99 1.38 -16.48 -19.60
CA HIS B 99 1.91 -17.28 -20.70
C HIS B 99 1.12 -18.60 -20.81
N PRO B 100 0.81 -19.07 -22.02
CA PRO B 100 0.12 -20.37 -22.12
C PRO B 100 0.97 -21.55 -21.72
N MET B 101 2.31 -21.47 -21.86
CA MET B 101 3.24 -22.55 -21.60
C MET B 101 4.67 -22.02 -21.48
N PRO B 102 5.02 -21.34 -20.37
CA PRO B 102 6.38 -20.80 -20.24
C PRO B 102 7.36 -21.91 -19.92
N LYS B 103 8.33 -22.12 -20.81
CA LYS B 103 9.27 -23.24 -20.68
C LYS B 103 10.65 -22.81 -20.16
N ASN B 104 11.30 -21.84 -20.80
CA ASN B 104 12.59 -21.36 -20.31
C ASN B 104 12.46 -19.92 -19.84
N VAL B 105 13.20 -19.58 -18.78
N VAL B 105 13.15 -19.60 -18.75
CA VAL B 105 13.11 -18.27 -18.15
CA VAL B 105 13.12 -18.26 -18.19
C VAL B 105 14.50 -17.79 -17.80
C VAL B 105 14.55 -17.83 -17.91
N PHE B 106 14.83 -16.57 -18.20
CA PHE B 106 16.11 -15.94 -17.91
C PHE B 106 15.87 -14.85 -16.87
N ILE B 107 16.59 -14.93 -15.74
CA ILE B 107 16.53 -13.90 -14.70
C ILE B 107 17.74 -12.99 -14.86
N MET B 108 17.47 -11.69 -15.04
CA MET B 108 18.47 -10.66 -14.86
C MET B 108 18.52 -10.29 -13.37
N GLY B 109 19.65 -10.53 -12.73
CA GLY B 109 19.74 -10.28 -11.30
C GLY B 109 19.27 -11.45 -10.48
N GLY B 110 18.51 -11.19 -9.42
CA GLY B 110 17.95 -12.29 -8.63
C GLY B 110 18.96 -13.27 -8.10
N GLY B 111 20.11 -12.78 -7.62
CA GLY B 111 21.10 -13.66 -7.01
C GLY B 111 20.72 -14.17 -5.63
N GLU B 112 19.67 -13.62 -5.04
CA GLU B 112 19.16 -14.07 -3.75
C GLU B 112 18.61 -15.49 -3.80
N GLY B 113 18.17 -15.95 -4.99
CA GLY B 113 17.60 -17.26 -5.11
C GLY B 113 16.08 -17.30 -4.99
N SER B 114 15.46 -16.23 -4.49
CA SER B 114 14.03 -16.24 -4.24
C SER B 114 13.21 -16.13 -5.52
N THR B 115 13.72 -15.40 -6.52
CA THR B 115 13.04 -15.33 -7.80
C THR B 115 13.06 -16.68 -8.49
N ALA B 116 14.20 -17.38 -8.42
CA ALA B 116 14.29 -18.75 -8.91
C ALA B 116 13.37 -19.67 -8.13
N ARG B 117 13.36 -19.55 -6.80
CA ARG B 117 12.47 -20.38 -5.98
C ARG B 117 11.03 -20.34 -6.48
N GLU B 118 10.52 -19.13 -6.70
CA GLU B 118 9.12 -19.00 -7.07
C GLU B 118 8.87 -19.52 -8.47
N LEU B 119 9.82 -19.32 -9.39
CA LEU B 119 9.69 -19.87 -10.73
C LEU B 119 9.63 -21.40 -10.69
N LEU B 120 10.49 -22.01 -9.88
CA LEU B 120 10.62 -23.46 -9.81
C LEU B 120 9.36 -24.15 -9.29
N ARG B 121 8.42 -23.42 -8.71
CA ARG B 121 7.16 -24.05 -8.31
C ARG B 121 6.16 -24.14 -9.46
N HIS B 122 6.55 -23.66 -10.63
CA HIS B 122 5.71 -23.75 -11.82
C HIS B 122 6.02 -25.10 -12.44
N LYS B 123 4.98 -25.83 -12.87
CA LYS B 123 5.20 -27.15 -13.44
C LYS B 123 5.66 -27.11 -14.88
N THR B 124 5.82 -25.92 -15.47
CA THR B 124 6.06 -25.78 -16.91
C THR B 124 7.47 -25.34 -17.29
N ILE B 125 8.28 -24.83 -16.37
CA ILE B 125 9.66 -24.46 -16.73
C ILE B 125 10.54 -25.71 -16.73
N ASP B 126 11.40 -25.71 -17.73
CA ASP B 126 12.42 -26.72 -17.95
C ASP B 126 13.83 -26.11 -17.80
N LYS B 127 13.89 -24.85 -17.51
CA LYS B 127 15.21 -24.24 -17.38
C LYS B 127 15.04 -22.81 -16.87
N VAL B 128 15.53 -22.56 -15.66
CA VAL B 128 15.68 -21.23 -15.11
C VAL B 128 17.15 -20.89 -15.12
N VAL B 129 17.53 -19.82 -15.81
CA VAL B 129 18.89 -19.31 -15.73
C VAL B 129 18.87 -18.01 -14.91
N MET B 130 19.68 -17.99 -13.86
CA MET B 130 19.85 -16.85 -13.00
C MET B 130 21.20 -16.21 -13.31
N CYS B 131 21.16 -14.95 -13.74
CA CYS B 131 22.33 -14.28 -14.30
C CYS B 131 22.62 -13.04 -13.46
N ASP B 132 23.42 -13.22 -12.42
CA ASP B 132 23.86 -12.16 -11.53
C ASP B 132 25.35 -11.92 -11.74
N ILE B 133 25.74 -10.64 -11.74
CA ILE B 133 27.15 -10.32 -11.95
C ILE B 133 27.99 -10.50 -10.69
N ASP B 134 27.36 -10.56 -9.51
CA ASP B 134 28.08 -10.65 -8.24
C ASP B 134 28.10 -12.09 -7.74
N GLU B 135 29.21 -12.79 -8.01
CA GLU B 135 29.37 -14.16 -7.55
C GLU B 135 29.19 -14.29 -6.04
N GLU B 136 29.76 -13.34 -5.28
CA GLU B 136 29.75 -13.48 -3.82
C GLU B 136 28.35 -13.36 -3.23
N VAL B 137 27.50 -12.53 -3.83
CA VAL B 137 26.10 -12.44 -3.37
C VAL B 137 25.38 -13.77 -3.55
N VAL B 138 25.61 -14.45 -4.67
CA VAL B 138 24.93 -15.72 -4.89
C VAL B 138 25.39 -16.74 -3.86
N GLU B 139 26.70 -16.89 -3.70
CA GLU B 139 27.22 -17.86 -2.74
C GLU B 139 26.73 -17.55 -1.34
N PHE B 140 26.74 -16.28 -0.94
CA PHE B 140 26.26 -15.87 0.37
C PHE B 140 24.82 -16.33 0.59
N CYS B 141 23.90 -15.92 -0.29
CA CYS B 141 22.50 -16.30 -0.13
C CYS B 141 22.30 -17.80 -0.26
N LYS B 142 23.06 -18.46 -1.13
CA LYS B 142 23.00 -19.92 -1.19
C LYS B 142 23.42 -20.54 0.14
N SER B 143 24.28 -19.86 0.90
CA SER B 143 24.72 -20.42 2.18
C SER B 143 23.74 -20.14 3.31
N TYR B 144 23.13 -18.95 3.33
CA TYR B 144 22.51 -18.45 4.55
C TYR B 144 21.00 -18.26 4.49
N LEU B 145 20.41 -18.17 3.31
CA LEU B 145 18.95 -18.10 3.19
C LEU B 145 18.43 -19.53 3.14
N VAL B 146 18.04 -20.04 4.30
CA VAL B 146 17.48 -21.39 4.44
C VAL B 146 16.32 -21.61 3.47
N VAL B 147 15.55 -20.56 3.20
CA VAL B 147 14.33 -20.66 2.42
C VAL B 147 14.55 -21.06 0.97
N ASN B 148 15.77 -20.91 0.44
CA ASN B 148 16.04 -21.13 -0.98
C ASN B 148 17.04 -22.23 -1.26
N LYS B 149 17.50 -22.98 -0.27
CA LYS B 149 18.48 -23.98 -0.64
C LYS B 149 17.85 -25.18 -1.36
N GLU B 150 16.57 -25.49 -1.11
CA GLU B 150 15.89 -26.41 -1.99
C GLU B 150 15.81 -25.86 -3.41
N ALA B 151 15.59 -24.54 -3.53
CA ALA B 151 15.54 -23.93 -4.86
C ALA B 151 16.90 -23.95 -5.54
N PHE B 152 17.96 -23.63 -4.78
CA PHE B 152 19.30 -23.55 -5.36
C PHE B 152 19.80 -24.91 -5.83
N HIS B 153 19.45 -25.98 -5.14
CA HIS B 153 19.88 -27.33 -5.53
C HIS B 153 18.84 -28.02 -6.40
N ASP B 154 18.27 -27.30 -7.35
CA ASP B 154 17.27 -27.82 -8.27
C ASP B 154 17.89 -27.93 -9.66
N SER B 155 17.67 -29.04 -10.35
CA SER B 155 18.30 -29.31 -11.62
C SER B 155 17.96 -28.37 -12.72
N ARG B 156 16.74 -27.88 -12.71
CA ARG B 156 16.36 -26.94 -13.75
C ARG B 156 17.11 -25.63 -13.66
N LEU B 157 17.86 -25.40 -12.59
CA LEU B 157 18.38 -24.08 -12.27
C LEU B 157 19.84 -24.01 -12.67
N GLU B 158 20.18 -22.99 -13.48
CA GLU B 158 21.55 -22.72 -13.89
C GLU B 158 21.92 -21.30 -13.48
N VAL B 159 23.03 -21.16 -12.75
CA VAL B 159 23.53 -19.88 -12.28
C VAL B 159 24.66 -19.43 -13.19
N VAL B 160 24.58 -18.20 -13.68
CA VAL B 160 25.59 -17.64 -14.58
C VAL B 160 26.10 -16.34 -13.97
N ILE B 161 27.42 -16.19 -13.86
CA ILE B 161 28.01 -14.95 -13.38
C ILE B 161 28.50 -14.17 -14.60
N ASN B 162 27.78 -13.09 -14.91
CA ASN B 162 28.06 -12.23 -16.06
C ASN B 162 27.07 -11.09 -16.06
N ASP B 163 27.43 -10.02 -16.77
CA ASP B 163 26.49 -8.93 -17.01
C ASP B 163 25.35 -9.48 -17.87
N ALA B 164 24.13 -9.07 -17.53
CA ALA B 164 22.95 -9.62 -18.20
C ALA B 164 22.93 -9.29 -19.68
N LYS B 165 23.23 -8.05 -20.06
CA LYS B 165 23.23 -7.71 -21.49
C LYS B 165 24.31 -8.49 -22.22
N ALA B 166 25.51 -8.55 -21.64
CA ALA B 166 26.58 -9.34 -22.24
C ALA B 166 26.17 -10.81 -22.37
N GLU B 167 25.45 -11.33 -21.38
CA GLU B 167 25.04 -12.74 -21.46
C GLU B 167 24.02 -12.95 -22.57
N LEU B 168 23.06 -12.03 -22.70
CA LEU B 168 21.99 -12.20 -23.68
C LEU B 168 22.48 -11.99 -25.09
N GLU B 169 23.32 -10.97 -25.31
CA GLU B 169 23.85 -10.72 -26.65
C GLU B 169 24.68 -11.91 -27.13
N GLY B 170 25.49 -12.49 -26.26
CA GLY B 170 26.39 -13.56 -26.62
C GLY B 170 25.73 -14.90 -26.92
N LYS B 171 24.68 -15.25 -26.18
CA LYS B 171 23.91 -16.44 -26.48
C LYS B 171 22.82 -16.10 -27.49
N GLU B 172 22.33 -17.12 -28.18
CA GLU B 172 21.25 -16.92 -29.13
C GLU B 172 19.97 -17.64 -28.75
N GLU B 173 19.92 -18.29 -27.58
CA GLU B 173 18.71 -19.00 -27.18
C GLU B 173 17.65 -18.02 -26.72
N LYS B 174 16.49 -18.08 -27.37
CA LYS B 174 15.37 -17.21 -27.05
C LYS B 174 14.61 -17.75 -25.84
N TYR B 175 13.95 -16.86 -25.11
CA TYR B 175 13.31 -17.21 -23.86
C TYR B 175 11.81 -16.96 -23.90
N ASP B 176 11.06 -17.87 -23.28
CA ASP B 176 9.63 -17.66 -23.01
C ASP B 176 9.42 -16.42 -22.16
N VAL B 177 10.17 -16.29 -21.08
CA VAL B 177 10.01 -15.18 -20.15
C VAL B 177 11.38 -14.68 -19.71
N ILE B 178 11.50 -13.37 -19.60
CA ILE B 178 12.68 -12.74 -19.04
C ILE B 178 12.21 -11.91 -17.85
N VAL B 179 12.87 -12.08 -16.71
CA VAL B 179 12.48 -11.46 -15.44
C VAL B 179 13.56 -10.47 -15.03
N GLY B 180 13.19 -9.20 -14.93
CA GLY B 180 14.10 -8.17 -14.46
C GLY B 180 14.05 -8.03 -12.96
N ASP B 181 15.11 -8.48 -12.29
CA ASP B 181 15.21 -8.43 -10.84
C ASP B 181 16.53 -7.77 -10.46
N LEU B 182 16.74 -6.57 -10.97
CA LEU B 182 17.96 -5.81 -10.75
C LEU B 182 17.70 -4.74 -9.69
N ALA B 183 18.78 -4.07 -9.30
CA ALA B 183 18.64 -2.83 -8.54
C ALA B 183 18.00 -1.76 -9.41
N ASP B 184 17.45 -0.74 -8.77
CA ASP B 184 16.74 0.31 -9.48
C ASP B 184 17.69 1.08 -10.41
N PRO B 185 17.18 1.63 -11.48
CA PRO B 185 18.04 2.29 -12.44
C PRO B 185 18.59 3.62 -12.03
N ILE B 186 19.28 3.69 -10.92
CA ILE B 186 19.84 4.95 -10.49
C ILE B 186 20.87 5.51 -11.49
N GLU B 187 20.85 6.82 -11.67
CA GLU B 187 21.74 7.50 -12.61
C GLU B 187 23.16 7.24 -12.19
N GLY B 188 23.99 6.83 -13.13
CA GLY B 188 25.38 6.52 -12.85
C GLY B 188 25.73 5.14 -12.32
N GLY B 189 24.78 4.23 -12.26
CA GLY B 189 25.06 2.88 -11.82
C GLY B 189 25.30 1.99 -13.02
N PRO B 190 25.49 0.69 -12.81
CA PRO B 190 25.68 -0.10 -14.04
C PRO B 190 24.42 -0.81 -14.51
N CYS B 191 23.40 -0.89 -13.66
CA CYS B 191 22.14 -1.49 -14.04
C CYS B 191 21.26 -0.52 -14.84
N TYR B 192 21.66 0.74 -14.97
CA TYR B 192 20.87 1.71 -15.70
C TYR B 192 20.65 1.30 -17.14
N LYS B 193 21.73 0.90 -17.83
CA LYS B 193 21.60 0.58 -19.26
C LYS B 193 20.68 -0.61 -19.51
N LEU B 194 20.43 -1.43 -18.50
CA LEU B 194 19.52 -2.56 -18.61
C LEU B 194 18.05 -2.15 -18.48
N TYR B 195 17.78 -0.84 -18.45
CA TYR B 195 16.41 -0.33 -18.50
C TYR B 195 16.19 0.57 -19.71
N THR B 196 17.11 0.60 -20.66
CA THR B 196 17.03 1.54 -21.76
C THR B 196 16.14 1.01 -22.88
N LYS B 197 15.54 1.95 -23.62
CA LYS B 197 14.68 1.59 -24.75
C LYS B 197 15.45 0.83 -25.81
N ASP B 198 16.70 1.22 -26.06
CA ASP B 198 17.51 0.49 -27.04
C ASP B 198 17.82 -0.93 -26.56
N PHE B 199 17.94 -1.15 -25.25
CA PHE B 199 18.22 -2.50 -24.74
C PHE B 199 17.02 -3.42 -24.89
N TYR B 200 15.83 -2.91 -24.55
CA TYR B 200 14.61 -3.70 -24.73
C TYR B 200 14.44 -4.09 -26.20
N GLU B 201 14.55 -3.11 -27.09
CA GLU B 201 14.21 -3.32 -28.50
C GLU B 201 15.29 -4.10 -29.23
N LEU B 202 16.56 -3.86 -28.90
CA LEU B 202 17.66 -4.45 -29.68
C LEU B 202 18.30 -5.66 -29.00
N THR B 203 18.27 -5.76 -27.68
CA THR B 203 18.90 -6.89 -27.00
C THR B 203 17.89 -7.84 -26.39
N LEU B 204 16.97 -7.33 -25.58
CA LEU B 204 16.11 -8.22 -24.81
C LEU B 204 15.06 -8.88 -25.69
N LYS B 205 14.30 -8.09 -26.41
CA LYS B 205 13.15 -8.63 -27.13
C LYS B 205 13.55 -9.62 -28.22
N PRO B 206 14.62 -9.39 -29.00
CA PRO B 206 15.07 -10.44 -29.93
C PRO B 206 15.30 -11.78 -29.24
N LYS B 207 15.57 -11.77 -27.94
CA LYS B 207 15.77 -12.98 -27.17
C LYS B 207 14.48 -13.50 -26.53
N LEU B 208 13.34 -12.89 -26.84
CA LEU B 208 12.05 -13.42 -26.44
C LEU B 208 11.50 -14.31 -27.55
N LYS B 209 10.98 -15.46 -27.18
CA LYS B 209 10.29 -16.34 -28.13
C LYS B 209 8.98 -15.67 -28.58
N LYS B 210 8.39 -16.17 -29.66
CA LYS B 210 7.07 -15.68 -30.03
C LYS B 210 6.10 -15.92 -28.87
N GLY B 211 5.27 -14.91 -28.55
CA GLY B 211 4.44 -14.98 -27.37
C GLY B 211 5.15 -14.80 -26.04
N GLY B 212 6.44 -14.46 -26.07
CA GLY B 212 7.19 -14.26 -24.84
C GLY B 212 6.61 -13.14 -23.99
N ILE B 213 7.04 -13.10 -22.73
CA ILE B 213 6.59 -12.10 -21.79
C ILE B 213 7.81 -11.63 -21.01
N PHE B 214 7.99 -10.31 -20.93
CA PHE B 214 9.00 -9.71 -20.07
C PHE B 214 8.31 -9.14 -18.84
N VAL B 215 8.98 -9.23 -17.70
CA VAL B 215 8.54 -8.54 -16.49
C VAL B 215 9.76 -7.98 -15.79
N THR B 216 9.64 -6.77 -15.29
CA THR B 216 10.70 -6.19 -14.50
C THR B 216 10.13 -5.58 -13.23
N GLN B 217 10.90 -5.68 -12.15
CA GLN B 217 10.64 -4.78 -11.04
C GLN B 217 10.84 -3.36 -11.53
N ALA B 218 10.14 -2.43 -10.93
CA ALA B 218 10.08 -1.09 -11.51
C ALA B 218 10.19 -0.02 -10.42
N GLY B 219 10.81 -0.37 -9.30
CA GLY B 219 11.10 0.61 -8.29
C GLY B 219 9.89 0.94 -7.45
N PRO B 220 10.00 2.04 -6.69
CA PRO B 220 8.89 2.45 -5.82
C PRO B 220 7.67 2.89 -6.61
N ALA B 221 6.50 2.60 -6.06
CA ALA B 221 5.25 2.92 -6.74
C ALA B 221 4.29 3.63 -5.80
N GLY B 222 4.81 4.41 -4.84
CA GLY B 222 3.97 5.20 -3.98
C GLY B 222 3.34 6.37 -4.72
N ILE B 223 2.39 7.01 -4.04
CA ILE B 223 1.62 8.10 -4.63
C ILE B 223 2.53 9.23 -5.12
N PHE B 224 3.63 9.50 -4.40
CA PHE B 224 4.62 10.45 -4.89
C PHE B 224 5.87 9.78 -5.40
N SER B 225 6.24 8.63 -4.82
CA SER B 225 7.51 8.02 -5.18
C SER B 225 7.48 7.32 -6.52
N HIS B 226 6.30 7.14 -7.12
CA HIS B 226 6.23 6.46 -8.41
C HIS B 226 6.83 7.28 -9.54
N THR B 227 7.06 8.57 -9.33
CA THR B 227 7.64 9.41 -10.37
C THR B 227 9.15 9.28 -10.47
N GLU B 228 9.81 8.59 -9.54
CA GLU B 228 11.26 8.43 -9.65
C GLU B 228 11.63 7.58 -10.87
N VAL B 229 11.10 6.35 -10.95
CA VAL B 229 11.47 5.43 -12.03
C VAL B 229 10.29 4.60 -12.54
N PHE B 230 9.27 4.38 -11.69
CA PHE B 230 8.17 3.48 -12.05
C PHE B 230 7.47 3.94 -13.32
N SER B 231 7.16 5.24 -13.41
CA SER B 231 6.49 5.75 -14.60
C SER B 231 7.43 5.72 -15.81
N CYS B 232 8.72 5.97 -15.59
CA CYS B 232 9.66 5.97 -16.72
C CYS B 232 9.86 4.57 -17.29
N ILE B 233 9.85 3.54 -16.44
CA ILE B 233 9.97 2.17 -16.92
C ILE B 233 8.70 1.75 -17.67
N TYR B 234 7.54 2.15 -17.16
CA TYR B 234 6.29 1.93 -17.89
C TYR B 234 6.35 2.58 -19.26
N ASN B 235 6.66 3.87 -19.31
CA ASN B 235 6.67 4.58 -20.58
C ASN B 235 7.68 3.97 -21.54
N THR B 236 8.85 3.57 -21.03
CA THR B 236 9.87 2.97 -21.88
C THR B 236 9.37 1.66 -22.50
N LEU B 237 8.82 0.78 -21.67
CA LEU B 237 8.26 -0.47 -22.19
C LEU B 237 7.06 -0.25 -23.09
N ARG B 238 6.41 0.90 -22.99
CA ARG B 238 5.32 1.18 -23.90
C ARG B 238 5.90 1.38 -25.29
N GLN B 239 7.11 1.86 -25.37
CA GLN B 239 7.75 2.12 -26.65
C GLN B 239 8.47 0.91 -27.22
N VAL B 240 8.15 -0.30 -26.75
CA VAL B 240 8.80 -1.49 -27.30
C VAL B 240 7.80 -2.64 -27.42
N PHE B 241 6.91 -2.79 -26.44
CA PHE B 241 5.92 -3.84 -26.51
C PHE B 241 4.53 -3.24 -26.68
N LYS B 242 3.69 -3.99 -27.40
CA LYS B 242 2.34 -3.53 -27.65
C LYS B 242 1.47 -3.60 -26.40
N TYR B 243 1.74 -4.52 -25.48
CA TYR B 243 0.86 -4.78 -24.34
C TYR B 243 1.67 -4.69 -23.06
N VAL B 244 1.39 -3.66 -22.27
CA VAL B 244 2.16 -3.35 -21.08
C VAL B 244 1.18 -3.14 -19.93
N VAL B 245 1.39 -3.85 -18.82
CA VAL B 245 0.54 -3.67 -17.63
C VAL B 245 1.40 -3.39 -16.40
N PRO B 246 1.27 -2.21 -15.82
CA PRO B 246 1.93 -1.95 -14.54
C PRO B 246 1.05 -2.38 -13.38
N TYR B 247 1.70 -2.79 -12.30
CA TYR B 247 0.99 -3.21 -11.08
C TYR B 247 1.89 -2.99 -9.88
N SER B 248 1.27 -2.98 -8.70
CA SER B 248 2.01 -2.61 -7.50
C SER B 248 1.39 -3.27 -6.28
N ALA B 249 2.17 -3.31 -5.20
CA ALA B 249 1.72 -3.89 -3.94
C ALA B 249 2.60 -3.39 -2.81
N HIS B 250 1.99 -3.23 -1.65
CA HIS B 250 2.74 -2.80 -0.47
C HIS B 250 3.71 -3.88 -0.03
N ILE B 251 4.97 -3.51 0.15
CA ILE B 251 5.95 -4.40 0.78
C ILE B 251 6.43 -3.74 2.06
N PRO B 252 5.99 -4.22 3.23
CA PRO B 252 6.25 -3.45 4.47
C PRO B 252 7.71 -3.10 4.71
N SER B 253 8.61 -4.08 4.52
CA SER B 253 10.04 -3.85 4.81
C SER B 253 10.67 -2.84 3.87
N TYR B 254 10.07 -2.56 2.72
CA TYR B 254 10.60 -1.58 1.78
C TYR B 254 10.10 -0.18 2.10
N ALA B 255 9.20 -0.05 3.09
CA ALA B 255 8.60 1.22 3.52
C ALA B 255 7.86 1.93 2.39
N ASP B 256 7.35 1.18 1.40
CA ASP B 256 6.67 1.79 0.27
C ASP B 256 5.84 0.75 -0.48
N ILE B 257 4.91 1.26 -1.29
CA ILE B 257 4.38 0.46 -2.39
C ILE B 257 5.51 0.21 -3.37
N TRP B 258 5.57 -1.01 -3.89
CA TRP B 258 6.57 -1.39 -4.89
C TRP B 258 5.88 -1.71 -6.20
N GLY B 259 6.60 -1.54 -7.31
CA GLY B 259 6.01 -1.65 -8.64
C GLY B 259 6.65 -2.73 -9.47
N TRP B 260 5.87 -3.27 -10.41
CA TRP B 260 6.34 -4.19 -11.43
C TRP B 260 5.62 -3.83 -12.72
N VAL B 261 6.23 -4.21 -13.85
CA VAL B 261 5.60 -4.00 -15.15
C VAL B 261 5.69 -5.29 -15.96
N LEU B 262 4.58 -5.69 -16.56
CA LEU B 262 4.57 -6.76 -17.53
C LEU B 262 4.54 -6.15 -18.92
N ALA B 263 5.10 -6.88 -19.89
CA ALA B 263 5.13 -6.40 -21.27
C ALA B 263 5.24 -7.58 -22.20
N SER B 264 4.32 -7.67 -23.16
CA SER B 264 4.32 -8.73 -24.15
C SER B 264 3.72 -8.18 -25.42
N ASP B 265 3.81 -8.98 -26.49
CA ASP B 265 3.11 -8.66 -27.73
C ASP B 265 1.84 -9.48 -27.91
N SER B 266 1.54 -10.37 -26.97
CA SER B 266 0.23 -11.02 -26.89
C SER B 266 -0.51 -10.47 -25.68
N PRO B 267 -1.85 -10.49 -25.69
CA PRO B 267 -2.60 -9.87 -24.59
C PRO B 267 -2.22 -10.45 -23.23
N LEU B 268 -2.30 -9.59 -22.21
CA LEU B 268 -2.12 -10.05 -20.84
C LEU B 268 -3.41 -9.79 -20.06
N ASP B 269 -4.51 -10.33 -20.56
CA ASP B 269 -5.85 -10.03 -20.05
C ASP B 269 -6.49 -11.34 -19.62
N LEU B 270 -6.41 -11.64 -18.33
CA LEU B 270 -7.04 -12.82 -17.77
C LEU B 270 -7.90 -12.44 -16.59
N SER B 271 -9.04 -13.11 -16.46
CA SER B 271 -9.88 -12.82 -15.33
C SER B 271 -9.20 -13.31 -14.05
N ALA B 272 -9.65 -12.73 -12.94
CA ALA B 272 -9.20 -13.24 -11.64
C ALA B 272 -9.51 -14.72 -11.50
N GLU B 273 -10.66 -15.14 -12.06
CA GLU B 273 -11.08 -16.54 -11.97
C GLU B 273 -10.19 -17.44 -12.81
N GLU B 274 -9.83 -17.00 -14.02
CA GLU B 274 -8.88 -17.77 -14.82
C GLU B 274 -7.52 -17.81 -14.15
N LEU B 275 -7.08 -16.70 -13.58
CA LEU B 275 -5.81 -16.70 -12.86
C LEU B 275 -5.84 -17.72 -11.73
N ASP B 276 -6.93 -17.74 -10.95
CA ASP B 276 -7.07 -18.73 -9.88
C ASP B 276 -7.05 -20.14 -10.44
N ILE B 277 -7.74 -20.34 -11.56
CA ILE B 277 -7.73 -21.64 -12.23
C ILE B 277 -6.31 -22.04 -12.60
N ARG B 278 -5.60 -21.17 -13.32
CA ARG B 278 -4.25 -21.50 -13.76
C ARG B 278 -3.29 -21.68 -12.59
N MET B 279 -3.55 -21.00 -11.47
CA MET B 279 -2.69 -21.17 -10.30
C MET B 279 -2.85 -22.55 -9.69
N ARG B 280 -4.09 -22.96 -9.43
CA ARG B 280 -4.29 -24.27 -8.82
C ARG B 280 -3.93 -25.42 -9.77
N GLN B 281 -3.61 -25.14 -11.03
CA GLN B 281 -3.17 -26.16 -11.98
C GLN B 281 -1.67 -26.16 -12.26
N ARG B 282 -1.00 -25.01 -12.36
CA ARG B 282 0.40 -25.03 -12.75
C ARG B 282 1.41 -24.81 -11.62
N ILE B 283 1.03 -24.18 -10.53
CA ILE B 283 1.98 -23.84 -9.47
C ILE B 283 1.83 -24.83 -8.33
N ILE B 284 2.91 -25.55 -8.01
CA ILE B 284 2.91 -26.41 -6.84
C ILE B 284 2.64 -25.54 -5.60
N GLU B 285 1.91 -26.11 -4.65
CA GLU B 285 1.60 -25.48 -3.35
C GLU B 285 0.75 -24.22 -3.49
N GLU B 286 0.15 -23.78 -2.39
CA GLU B 286 -0.72 -22.62 -2.40
C GLU B 286 0.09 -21.33 -2.23
N ASN B 287 -0.27 -20.31 -3.01
CA ASN B 287 0.36 -19.01 -2.85
C ASN B 287 -0.03 -18.40 -1.51
N ARG B 288 0.92 -17.67 -0.92
CA ARG B 288 0.71 -16.97 0.33
C ARG B 288 0.06 -15.61 0.12
N TYR B 289 0.45 -14.90 -0.94
CA TYR B 289 -0.04 -13.54 -1.12
C TYR B 289 -0.96 -13.39 -2.32
N LEU B 290 -0.62 -14.00 -3.44
CA LEU B 290 -1.19 -13.63 -4.73
C LEU B 290 -2.23 -14.65 -5.17
N ASP B 291 -3.47 -14.19 -5.32
CA ASP B 291 -4.50 -14.89 -6.09
C ASP B 291 -4.96 -13.97 -7.23
N GLY B 292 -5.90 -14.45 -8.05
CA GLY B 292 -6.36 -13.66 -9.18
C GLY B 292 -6.88 -12.28 -8.80
N LYS B 293 -7.76 -12.21 -7.79
CA LYS B 293 -8.32 -10.92 -7.36
C LYS B 293 -7.25 -9.98 -6.83
N THR B 294 -6.27 -10.52 -6.09
CA THR B 294 -5.15 -9.71 -5.64
C THR B 294 -4.47 -9.05 -6.83
N PHE B 295 -4.24 -9.81 -7.91
CA PHE B 295 -3.54 -9.24 -9.04
C PHE B 295 -4.42 -8.28 -9.82
N VAL B 296 -5.71 -8.58 -9.94
CA VAL B 296 -6.63 -7.60 -10.52
C VAL B 296 -6.53 -6.28 -9.75
N SER B 297 -6.66 -6.35 -8.42
CA SER B 297 -6.54 -5.14 -7.61
C SER B 297 -5.16 -4.52 -7.75
N SER B 298 -4.11 -5.34 -7.73
CA SER B 298 -2.74 -4.83 -7.89
C SER B 298 -2.57 -4.05 -9.19
N SER B 299 -3.19 -4.51 -10.27
CA SER B 299 -3.02 -3.87 -11.58
C SER B 299 -4.02 -2.75 -11.81
N THR B 300 -4.80 -2.39 -10.80
CA THR B 300 -5.68 -1.21 -10.83
C THR B 300 -4.97 -0.15 -10.00
N LEU B 301 -4.14 0.65 -10.64
CA LEU B 301 -3.43 1.70 -9.93
C LEU B 301 -4.41 2.80 -9.50
N SER B 302 -3.95 3.65 -8.58
CA SER B 302 -4.83 4.71 -8.11
C SER B 302 -4.88 5.83 -9.15
N LYS B 303 -5.86 6.73 -8.97
CA LYS B 303 -6.12 7.80 -9.94
C LYS B 303 -4.85 8.59 -10.25
N ALA B 304 -4.11 9.02 -9.23
CA ALA B 304 -2.95 9.87 -9.50
C ALA B 304 -1.83 9.09 -10.17
N VAL B 305 -1.60 7.85 -9.72
CA VAL B 305 -0.57 7.04 -10.35
C VAL B 305 -0.95 6.69 -11.78
N ARG B 306 -2.23 6.39 -12.01
CA ARG B 306 -2.68 6.11 -13.36
C ARG B 306 -2.53 7.33 -14.27
N ASN B 307 -2.89 8.53 -13.79
CA ASN B 307 -2.74 9.73 -14.60
C ASN B 307 -1.27 10.00 -14.91
N SER B 308 -0.42 9.86 -13.90
CA SER B 308 1.00 10.10 -14.09
C SER B 308 1.59 9.15 -15.12
N LEU B 309 1.25 7.86 -15.01
CA LEU B 309 1.77 6.87 -15.95
C LEU B 309 1.25 7.13 -17.35
N ASN B 310 -0.06 7.31 -17.50
CA ASN B 310 -0.64 7.51 -18.81
C ASN B 310 -0.21 8.82 -19.47
N ASN B 311 0.51 9.71 -18.77
CA ASN B 311 0.95 10.96 -19.37
C ASN B 311 2.45 11.24 -19.13
N GLU B 312 3.27 10.19 -18.99
CA GLU B 312 4.71 10.39 -18.84
C GLU B 312 5.38 10.40 -20.21
N THR B 313 6.43 11.22 -20.35
CA THR B 313 7.14 11.37 -21.62
C THR B 313 8.53 10.76 -21.63
N HIS B 314 9.25 10.81 -20.53
CA HIS B 314 10.66 10.41 -20.56
C HIS B 314 10.82 8.93 -20.89
N VAL B 315 11.75 8.62 -21.77
CA VAL B 315 12.08 7.25 -22.17
C VAL B 315 13.57 7.07 -21.94
N TYR B 316 13.94 6.16 -21.03
CA TYR B 316 15.34 5.80 -20.83
C TYR B 316 16.00 5.36 -22.13
N THR B 317 16.96 6.14 -22.63
CA THR B 317 17.65 5.75 -23.84
C THR B 317 18.99 5.12 -23.51
#